data_7O79
#
_entry.id   7O79
#
_cell.length_a   58.190
_cell.length_b   51.746
_cell.length_c   74.262
_cell.angle_alpha   90.000
_cell.angle_beta   97.220
_cell.angle_gamma   90.000
#
_symmetry.space_group_name_H-M   'P 1 21 1'
#
loop_
_entity.id
_entity.type
_entity.pdbx_description
1 polymer 'Poly(Beta-D-mannuronate) lyase'
2 non-polymer 'PHOSPHATE ION'
3 water water
#
_entity_poly.entity_id   1
_entity_poly.type   'polypeptide(L)'
_entity_poly.pdbx_seq_one_letter_code
;GNIQVKNASELNKAIGSAVAGDAILMQPGEWKDVKILFNSKASKAKPITLKADQAGKVMLSGESSLSFDAPYLVVEGLLF
KDGSLKKGSVIQFNSDYCKLENTAIVDFNPSQKSTGYYWVLFRGNNNLMQYCSFKGKNNMQPLVGNDQDNSRYNTVQYCY
FKDIPYTPDNGREIFRIWGYGRSEETGDDGAFFTIKNNLFERAHGEGMEIISLKSNRNKVIGNTVISTKGGIVGRSGNFN
TIEENFIFGENEKGSYGIRLAGQGHHVVNNYVRDVDGDGLILICGEYIEKALTDKYEPILRAGTPLGRVPRYGHVKDGLY
VNNTFLNVGGAGINIGGSYNGNPGADQRMLLPENNTITHNIISTKSGKNAIQATSPSQNPILANFKFKSNILGSNLVYDN
GAEPDSGVKETPITINGKEYKIPFASKKDTLITSKPGVRIKNKPLSSKEVGVKWSI
;
_entity_poly.pdbx_strand_id   A
#
# COMPACT_ATOMS: atom_id res chain seq x y z
N GLY A 1 14.19 -2.45 -31.54
CA GLY A 1 12.83 -2.50 -32.04
C GLY A 1 12.71 -2.38 -33.53
N ASN A 2 11.50 -2.29 -34.00
CA ASN A 2 11.28 -2.38 -35.44
C ASN A 2 10.00 -1.76 -36.02
N ILE A 3 9.24 -0.93 -35.29
CA ILE A 3 8.19 -0.11 -35.90
C ILE A 3 8.26 1.30 -35.33
N GLN A 4 8.67 2.27 -36.15
CA GLN A 4 8.79 3.65 -35.71
C GLN A 4 7.47 4.38 -35.89
N VAL A 5 7.04 5.12 -34.87
CA VAL A 5 5.80 5.86 -34.91
C VAL A 5 6.06 7.30 -34.46
N LYS A 6 5.42 8.25 -35.14
CA LYS A 6 5.65 9.67 -34.91
C LYS A 6 4.40 10.43 -34.49
N ASN A 7 3.23 9.80 -34.53
CA ASN A 7 1.99 10.48 -34.18
C ASN A 7 0.95 9.42 -33.84
N ALA A 8 -0.19 9.90 -33.32
CA ALA A 8 -1.20 8.99 -32.78
C ALA A 8 -1.74 8.06 -33.86
N SER A 9 -1.89 8.56 -35.07
CA SER A 9 -2.38 7.73 -36.17
C SER A 9 -1.43 6.56 -36.42
N GLU A 10 -0.13 6.84 -36.53
CA GLU A 10 0.84 5.78 -36.75
C GLU A 10 0.85 4.79 -35.58
N LEU A 11 0.75 5.30 -34.34
CA LEU A 11 0.76 4.46 -33.15
C LEU A 11 -0.37 3.43 -33.16
N ASN A 12 -1.60 3.87 -33.44
CA ASN A 12 -2.71 2.92 -33.46
C ASN A 12 -2.58 1.90 -34.59
N LYS A 13 -2.01 2.30 -35.73
CA LYS A 13 -1.74 1.35 -36.80
C LYS A 13 -0.72 0.30 -36.36
N ALA A 14 0.37 0.75 -35.72
CA ALA A 14 1.36 -0.18 -35.22
C ALA A 14 0.78 -1.13 -34.17
N ILE A 15 -0.10 -0.61 -33.30
CA ILE A 15 -0.71 -1.47 -32.29
C ILE A 15 -1.51 -2.57 -32.96
N GLY A 16 -2.24 -2.23 -34.03
CA GLY A 16 -3.04 -3.24 -34.70
C GLY A 16 -2.25 -4.20 -35.58
N SER A 17 -1.09 -3.78 -36.07
CA SER A 17 -0.33 -4.60 -37.02
C SER A 17 0.87 -5.30 -36.41
N ALA A 18 1.27 -4.96 -35.19
CA ALA A 18 2.41 -5.59 -34.55
C ALA A 18 2.16 -7.08 -34.35
N VAL A 19 3.20 -7.90 -34.57
CA VAL A 19 3.10 -9.32 -34.31
C VAL A 19 3.99 -9.64 -33.10
N ALA A 20 3.73 -10.81 -32.50
CA ALA A 20 4.45 -11.22 -31.28
C ALA A 20 5.95 -11.04 -31.46
N GLY A 21 6.58 -10.39 -30.48
CA GLY A 21 8.01 -10.14 -30.50
C GLY A 21 8.38 -8.77 -31.02
N ASP A 22 7.45 -8.04 -31.65
CA ASP A 22 7.73 -6.73 -32.21
C ASP A 22 7.94 -5.69 -31.11
N ALA A 23 8.54 -4.56 -31.51
CA ALA A 23 8.66 -3.37 -30.66
C ALA A 23 8.19 -2.14 -31.43
N ILE A 24 7.40 -1.31 -30.75
CA ILE A 24 6.85 -0.06 -31.30
C ILE A 24 7.59 1.07 -30.61
N LEU A 25 8.28 1.90 -31.39
CA LEU A 25 9.21 2.90 -30.89
C LEU A 25 8.66 4.29 -31.19
N MET A 26 8.36 5.06 -30.14
CA MET A 26 7.78 6.39 -30.31
C MET A 26 8.87 7.46 -30.47
N GLN A 27 8.66 8.37 -31.41
CA GLN A 27 9.62 9.43 -31.65
C GLN A 27 9.58 10.48 -30.53
N PRO A 28 10.70 11.13 -30.24
CA PRO A 28 10.74 12.10 -29.13
C PRO A 28 9.86 13.30 -29.42
N GLY A 29 9.38 13.91 -28.33
CA GLY A 29 8.60 15.12 -28.39
C GLY A 29 7.38 15.00 -27.52
N GLU A 30 6.45 15.93 -27.73
CA GLU A 30 5.21 15.99 -26.96
C GLU A 30 4.08 15.33 -27.72
N TRP A 31 3.38 14.41 -27.05
CA TRP A 31 2.24 13.68 -27.60
C TRP A 31 1.01 14.14 -26.83
N LYS A 32 0.21 15.02 -27.44
CA LYS A 32 -0.93 15.65 -26.75
C LYS A 32 -2.21 14.85 -26.93
N ASP A 33 -2.93 14.65 -25.82
CA ASP A 33 -4.26 14.04 -25.83
C ASP A 33 -4.28 12.68 -26.55
N VAL A 34 -3.35 11.80 -26.18
CA VAL A 34 -3.29 10.47 -26.77
C VAL A 34 -3.78 9.44 -25.77
N LYS A 35 -4.92 8.82 -26.07
CA LYS A 35 -5.44 7.71 -25.27
C LYS A 35 -4.90 6.43 -25.90
N ILE A 36 -3.90 5.83 -25.26
CA ILE A 36 -3.24 4.65 -25.80
C ILE A 36 -4.02 3.41 -25.35
N LEU A 37 -4.64 2.73 -26.31
CA LEU A 37 -5.32 1.48 -26.04
C LEU A 37 -4.43 0.36 -26.60
N PHE A 38 -3.57 -0.18 -25.74
CA PHE A 38 -2.60 -1.18 -26.14
C PHE A 38 -3.19 -2.57 -26.07
N ASN A 39 -3.56 -3.07 -27.23
CA ASN A 39 -4.20 -4.34 -27.36
C ASN A 39 -3.63 -5.20 -28.44
N SER A 40 -2.32 -5.13 -28.66
CA SER A 40 -1.61 -5.94 -29.66
C SER A 40 -1.68 -7.41 -29.29
N LYS A 41 -1.49 -8.27 -30.29
CA LYS A 41 -1.61 -9.71 -30.16
C LYS A 41 -0.20 -10.27 -29.99
N ALA A 42 0.20 -10.46 -28.74
CA ALA A 42 1.53 -10.95 -28.39
C ALA A 42 1.44 -12.39 -27.95
N SER A 43 2.58 -12.95 -27.54
CA SER A 43 2.61 -14.30 -27.02
C SER A 43 3.41 -14.31 -25.72
N LYS A 44 3.18 -15.37 -24.93
CA LYS A 44 3.89 -15.48 -23.67
C LYS A 44 5.39 -15.47 -23.87
N ALA A 45 5.88 -16.17 -24.91
CA ALA A 45 7.30 -16.25 -25.18
C ALA A 45 7.82 -15.06 -26.00
N LYS A 46 6.94 -14.34 -26.71
CA LYS A 46 7.35 -13.18 -27.51
C LYS A 46 6.44 -11.99 -27.20
N PRO A 47 6.73 -11.26 -26.12
CA PRO A 47 5.94 -10.07 -25.80
C PRO A 47 6.08 -9.03 -26.89
N ILE A 48 5.18 -8.04 -26.84
CA ILE A 48 5.25 -6.88 -27.72
C ILE A 48 5.49 -5.66 -26.84
N THR A 49 6.39 -4.80 -27.28
CA THR A 49 6.88 -3.69 -26.48
C THR A 49 6.54 -2.38 -27.17
N LEU A 50 5.90 -1.49 -26.43
CA LEU A 50 5.78 -0.08 -26.79
C LEU A 50 6.78 0.68 -25.94
N LYS A 51 7.62 1.51 -26.56
CA LYS A 51 8.59 2.27 -25.79
C LYS A 51 9.03 3.51 -26.54
N ALA A 52 9.70 4.42 -25.81
CA ALA A 52 10.30 5.61 -26.41
C ALA A 52 11.62 5.26 -27.09
N ASP A 53 11.89 5.88 -28.25
CA ASP A 53 13.25 5.81 -28.82
C ASP A 53 14.30 6.17 -27.81
N GLN A 54 14.05 7.20 -27.03
CA GLN A 54 14.94 7.61 -25.96
C GLN A 54 14.09 7.75 -24.71
N ALA A 55 14.37 6.92 -23.70
CA ALA A 55 13.57 6.93 -22.48
C ALA A 55 13.51 8.34 -21.90
N GLY A 56 12.30 8.77 -21.54
CA GLY A 56 12.13 10.07 -20.94
C GLY A 56 11.94 11.19 -21.94
N LYS A 57 12.17 10.94 -23.22
CA LYS A 57 12.10 11.96 -24.26
C LYS A 57 10.76 12.00 -24.95
N VAL A 58 9.80 11.22 -24.47
CA VAL A 58 8.46 11.17 -25.02
C VAL A 58 7.51 11.63 -23.92
N MET A 59 6.81 12.75 -24.14
CA MET A 59 5.96 13.32 -23.09
C MET A 59 4.51 13.27 -23.55
N LEU A 60 3.71 12.47 -22.86
CA LEU A 60 2.28 12.34 -23.12
C LEU A 60 1.54 13.37 -22.27
N SER A 61 0.85 14.31 -22.95
CA SER A 61 0.31 15.50 -22.32
C SER A 61 -1.19 15.61 -22.63
N GLY A 62 -1.81 16.69 -22.14
CA GLY A 62 -3.26 16.80 -22.32
C GLY A 62 -3.94 15.64 -21.63
N GLU A 63 -5.09 15.21 -22.16
CA GLU A 63 -5.67 13.98 -21.66
C GLU A 63 -5.10 12.77 -22.40
N SER A 64 -3.92 12.38 -21.93
CA SER A 64 -3.25 11.15 -22.35
C SER A 64 -3.39 10.09 -21.27
N SER A 65 -3.40 8.84 -21.69
CA SER A 65 -3.60 7.71 -20.78
C SER A 65 -3.14 6.46 -21.52
N LEU A 66 -2.95 5.39 -20.77
CA LEU A 66 -2.47 4.12 -21.29
C LEU A 66 -3.23 2.98 -20.64
N SER A 67 -3.72 2.05 -21.47
CA SER A 67 -4.46 0.87 -21.03
C SER A 67 -3.81 -0.36 -21.64
N PHE A 68 -3.43 -1.31 -20.78
CA PHE A 68 -2.96 -2.62 -21.23
C PHE A 68 -4.19 -3.50 -21.40
N ASP A 69 -4.57 -3.80 -22.64
CA ASP A 69 -5.83 -4.51 -22.89
C ASP A 69 -5.64 -5.85 -23.59
N ALA A 70 -4.43 -6.40 -23.55
CA ALA A 70 -4.16 -7.77 -24.02
C ALA A 70 -2.91 -8.26 -23.30
N PRO A 71 -2.71 -9.57 -23.19
CA PRO A 71 -1.62 -10.08 -22.35
C PRO A 71 -0.25 -9.96 -23.01
N TYR A 72 0.77 -10.03 -22.14
CA TYR A 72 2.19 -10.06 -22.54
C TYR A 72 2.62 -8.81 -23.30
N LEU A 73 2.21 -7.65 -22.78
CA LEU A 73 2.58 -6.37 -23.36
C LEU A 73 3.45 -5.58 -22.39
N VAL A 74 4.49 -4.94 -22.94
CA VAL A 74 5.46 -4.20 -22.16
C VAL A 74 5.45 -2.75 -22.64
N VAL A 75 5.49 -1.82 -21.69
CA VAL A 75 5.58 -0.40 -21.99
C VAL A 75 6.78 0.15 -21.23
N GLU A 76 7.67 0.86 -21.93
CA GLU A 76 8.91 1.34 -21.33
C GLU A 76 9.16 2.80 -21.68
N GLY A 77 9.68 3.55 -20.70
CA GLY A 77 10.33 4.82 -20.98
C GLY A 77 9.44 6.03 -21.22
N LEU A 78 8.16 5.99 -20.85
CA LEU A 78 7.26 7.11 -21.09
C LEU A 78 7.30 8.14 -19.96
N LEU A 79 6.81 9.34 -20.27
CA LEU A 79 6.61 10.39 -19.28
C LEU A 79 5.22 10.98 -19.49
N PHE A 80 4.43 11.00 -18.42
CA PHE A 80 3.13 11.66 -18.40
C PHE A 80 3.28 12.97 -17.63
N LYS A 81 3.06 14.08 -18.31
CA LYS A 81 3.38 15.39 -17.75
C LYS A 81 2.66 16.44 -18.59
N ASP A 82 2.36 17.58 -17.95
CA ASP A 82 1.61 18.65 -18.62
C ASP A 82 0.25 18.17 -19.11
N GLY A 83 -0.44 17.41 -18.28
CA GLY A 83 -1.70 16.83 -18.68
C GLY A 83 -2.51 16.45 -17.47
N SER A 84 -3.72 16.00 -17.71
CA SER A 84 -4.60 15.60 -16.62
C SER A 84 -5.74 14.81 -17.24
N LEU A 85 -6.61 14.28 -16.39
CA LEU A 85 -7.75 13.52 -16.82
C LEU A 85 -8.97 14.04 -16.09
N LYS A 86 -10.13 13.48 -16.42
CA LYS A 86 -11.35 13.82 -15.74
C LYS A 86 -11.89 12.67 -14.93
N LYS A 87 -11.41 11.44 -15.16
CA LYS A 87 -11.89 10.26 -14.47
C LYS A 87 -10.94 9.11 -14.78
N GLY A 88 -11.13 8.00 -14.10
CA GLY A 88 -10.49 6.76 -14.48
C GLY A 88 -9.12 6.58 -13.85
N SER A 89 -8.11 6.34 -14.69
CA SER A 89 -6.74 6.16 -14.23
C SER A 89 -5.80 6.55 -15.35
N VAL A 90 -4.64 7.10 -15.01
CA VAL A 90 -3.67 7.44 -16.05
C VAL A 90 -3.16 6.18 -16.74
N ILE A 91 -2.81 5.17 -15.97
CA ILE A 91 -2.32 3.90 -16.50
C ILE A 91 -3.22 2.81 -15.96
N GLN A 92 -3.59 1.85 -16.81
CA GLN A 92 -4.51 0.81 -16.37
C GLN A 92 -4.09 -0.55 -16.91
N PHE A 93 -3.96 -1.53 -15.99
CA PHE A 93 -3.65 -2.91 -16.35
C PHE A 93 -4.97 -3.67 -16.42
N ASN A 94 -5.47 -3.88 -17.64
CA ASN A 94 -6.75 -4.57 -17.84
C ASN A 94 -6.60 -6.03 -18.26
N SER A 95 -5.39 -6.56 -18.28
CA SER A 95 -5.14 -7.90 -18.81
C SER A 95 -4.12 -8.57 -17.89
N ASP A 96 -3.42 -9.59 -18.40
CA ASP A 96 -2.52 -10.39 -17.58
C ASP A 96 -1.10 -10.35 -18.11
N TYR A 97 -0.15 -10.46 -17.18
CA TYR A 97 1.28 -10.59 -17.52
C TYR A 97 1.77 -9.45 -18.39
N CYS A 98 1.34 -8.23 -18.07
CA CYS A 98 1.92 -7.05 -18.71
C CYS A 98 2.91 -6.39 -17.76
N LYS A 99 3.74 -5.49 -18.32
CA LYS A 99 4.77 -4.84 -17.55
C LYS A 99 4.89 -3.37 -17.94
N LEU A 100 4.97 -2.50 -16.94
CA LEU A 100 5.32 -1.10 -17.12
C LEU A 100 6.67 -0.87 -16.47
N GLU A 101 7.61 -0.27 -17.19
CA GLU A 101 8.87 0.06 -16.53
C GLU A 101 9.46 1.31 -17.14
N ASN A 102 10.32 1.96 -16.34
CA ASN A 102 11.07 3.15 -16.72
C ASN A 102 10.15 4.29 -17.13
N THR A 103 9.00 4.42 -16.46
CA THR A 103 8.00 5.43 -16.77
C THR A 103 7.79 6.34 -15.56
N ALA A 104 7.57 7.64 -15.83
CA ALA A 104 7.29 8.58 -14.76
C ALA A 104 5.98 9.30 -15.03
N ILE A 105 5.31 9.69 -13.94
CA ILE A 105 4.15 10.55 -13.98
C ILE A 105 4.47 11.74 -13.08
N VAL A 106 4.40 12.95 -13.64
CA VAL A 106 4.90 14.15 -12.95
C VAL A 106 3.81 15.20 -12.93
N ASP A 107 3.39 15.61 -11.72
CA ASP A 107 2.36 16.63 -11.51
C ASP A 107 1.20 16.58 -12.50
N PHE A 108 0.74 15.37 -12.82
CA PHE A 108 -0.28 15.12 -13.84
C PHE A 108 -1.69 15.37 -13.30
N ASN A 109 -1.90 16.60 -12.80
CA ASN A 109 -3.00 16.93 -11.91
C ASN A 109 -4.09 17.76 -12.57
N PRO A 110 -5.34 17.53 -12.18
CA PRO A 110 -6.45 18.36 -12.67
C PRO A 110 -6.50 19.64 -11.84
N SER A 111 -7.47 20.51 -12.16
CA SER A 111 -7.53 21.78 -11.44
C SER A 111 -8.28 21.64 -10.11
N GLN A 112 -9.33 20.82 -10.03
CA GLN A 112 -10.00 20.64 -8.75
C GLN A 112 -9.47 19.35 -8.13
N LYS A 113 -9.16 19.37 -6.83
CA LYS A 113 -8.84 18.14 -6.10
C LYS A 113 -9.96 17.11 -6.23
N SER A 114 -11.21 17.56 -6.25
CA SER A 114 -12.35 16.66 -6.34
C SER A 114 -12.47 15.93 -7.68
N THR A 115 -11.71 16.32 -8.70
CA THR A 115 -11.68 15.56 -9.95
C THR A 115 -10.76 14.37 -9.70
N GLY A 116 -11.36 13.24 -9.31
CA GLY A 116 -10.59 12.08 -8.90
C GLY A 116 -10.23 11.13 -10.03
N TYR A 117 -9.03 10.55 -9.95
CA TYR A 117 -8.62 9.42 -10.76
C TYR A 117 -7.35 8.79 -10.19
N TYR A 118 -7.18 7.49 -10.43
CA TYR A 118 -5.94 6.84 -10.03
C TYR A 118 -4.80 7.28 -10.94
N TRP A 119 -3.58 7.03 -10.49
CA TRP A 119 -2.48 7.12 -11.45
C TRP A 119 -2.15 5.77 -12.06
N VAL A 120 -2.24 4.69 -11.27
CA VAL A 120 -2.04 3.34 -11.77
C VAL A 120 -3.11 2.46 -11.16
N LEU A 121 -3.87 1.74 -11.99
CA LEU A 121 -4.93 0.86 -11.52
C LEU A 121 -4.72 -0.54 -12.06
N PHE A 122 -4.67 -1.52 -11.17
CA PHE A 122 -4.55 -2.91 -11.57
C PHE A 122 -5.92 -3.58 -11.63
N ARG A 123 -6.21 -4.23 -12.74
CA ARG A 123 -7.49 -4.86 -12.98
C ARG A 123 -7.30 -6.12 -13.83
N GLY A 124 -6.39 -6.98 -13.40
CA GLY A 124 -5.95 -8.15 -14.14
C GLY A 124 -4.84 -8.80 -13.35
N ASN A 125 -4.29 -9.89 -13.90
CA ASN A 125 -3.45 -10.76 -13.09
C ASN A 125 -1.98 -10.80 -13.52
N ASN A 126 -1.12 -11.04 -12.54
CA ASN A 126 0.31 -11.26 -12.77
C ASN A 126 0.98 -10.10 -13.52
N ASN A 127 0.57 -8.87 -13.22
CA ASN A 127 1.19 -7.71 -13.84
C ASN A 127 2.33 -7.17 -12.97
N LEU A 128 3.25 -6.45 -13.63
CA LEU A 128 4.46 -5.95 -12.99
C LEU A 128 4.69 -4.49 -13.35
N MET A 129 4.94 -3.67 -12.32
CA MET A 129 5.41 -2.29 -12.48
C MET A 129 6.71 -2.14 -11.71
N GLN A 130 7.76 -1.67 -12.40
CA GLN A 130 9.04 -1.53 -11.72
C GLN A 130 9.85 -0.40 -12.36
N TYR A 131 10.71 0.22 -11.56
CA TYR A 131 11.52 1.37 -11.99
C TYR A 131 10.67 2.48 -12.60
N CYS A 132 9.57 2.80 -11.93
CA CYS A 132 8.75 3.92 -12.31
C CYS A 132 8.76 4.96 -11.20
N SER A 133 8.52 6.22 -11.56
CA SER A 133 8.55 7.35 -10.64
C SER A 133 7.25 8.13 -10.69
N PHE A 134 6.81 8.59 -9.53
CA PHE A 134 5.52 9.25 -9.38
C PHE A 134 5.68 10.44 -8.45
N LYS A 135 5.36 11.63 -8.94
CA LYS A 135 5.60 12.85 -8.19
C LYS A 135 4.43 13.81 -8.30
N GLY A 136 3.92 14.25 -7.15
CA GLY A 136 3.05 15.41 -7.11
C GLY A 136 1.56 15.18 -7.24
N LYS A 137 1.08 13.94 -7.20
CA LYS A 137 -0.36 13.73 -7.33
C LYS A 137 -1.11 14.47 -6.22
N ASN A 138 -2.14 15.22 -6.59
CA ASN A 138 -2.78 16.09 -5.62
C ASN A 138 -4.30 15.99 -5.59
N ASN A 139 -4.89 15.03 -6.30
CA ASN A 139 -6.34 14.88 -6.38
C ASN A 139 -6.79 13.60 -5.68
N MET A 140 -8.11 13.46 -5.57
CA MET A 140 -8.74 12.29 -4.97
C MET A 140 -8.35 11.02 -5.75
N GLN A 141 -8.52 9.86 -5.07
CA GLN A 141 -8.23 8.49 -5.53
C GLN A 141 -6.81 8.07 -5.19
N PRO A 142 -6.61 6.81 -4.80
CA PRO A 142 -5.26 6.34 -4.53
C PRO A 142 -4.34 6.55 -5.72
N LEU A 143 -3.05 6.71 -5.43
CA LEU A 143 -2.07 6.77 -6.51
C LEU A 143 -2.01 5.42 -7.25
N VAL A 144 -1.91 4.34 -6.51
CA VAL A 144 -1.92 2.98 -7.05
C VAL A 144 -3.09 2.25 -6.44
N GLY A 145 -3.94 1.65 -7.28
CA GLY A 145 -5.02 0.82 -6.80
C GLY A 145 -5.00 -0.58 -7.35
N ASN A 146 -5.54 -1.51 -6.56
CA ASN A 146 -5.82 -2.86 -7.04
C ASN A 146 -7.31 -3.11 -6.90
N ASP A 147 -7.89 -3.64 -7.98
CA ASP A 147 -9.32 -3.76 -8.13
C ASP A 147 -9.82 -4.98 -7.34
N GLN A 148 -11.13 -5.00 -7.09
CA GLN A 148 -11.71 -6.00 -6.19
C GLN A 148 -11.78 -7.39 -6.79
N ASP A 149 -11.97 -7.53 -8.10
CA ASP A 149 -12.18 -8.84 -8.71
C ASP A 149 -11.15 -9.08 -9.80
N ASN A 150 -10.74 -10.35 -9.91
CA ASN A 150 -9.90 -10.84 -11.01
C ASN A 150 -8.60 -10.04 -11.17
N SER A 151 -7.97 -9.66 -10.04
CA SER A 151 -6.73 -8.86 -10.11
C SER A 151 -5.75 -9.35 -9.01
N ARG A 152 -5.16 -10.52 -9.25
CA ARG A 152 -4.30 -11.19 -8.29
C ARG A 152 -2.86 -11.24 -8.81
N TYR A 153 -1.91 -11.31 -7.87
CA TYR A 153 -0.48 -11.53 -8.17
C TYR A 153 0.16 -10.37 -8.93
N ASN A 154 -0.29 -9.16 -8.68
CA ASN A 154 0.36 -7.98 -9.23
C ASN A 154 1.48 -7.53 -8.30
N THR A 155 2.53 -6.96 -8.88
CA THR A 155 3.75 -6.63 -8.16
C THR A 155 4.17 -5.22 -8.55
N VAL A 156 4.50 -4.40 -7.55
CA VAL A 156 5.05 -3.07 -7.76
C VAL A 156 6.37 -3.02 -6.99
N GLN A 157 7.49 -2.84 -7.69
CA GLN A 157 8.78 -2.90 -7.03
C GLN A 157 9.74 -1.88 -7.62
N TYR A 158 10.69 -1.42 -6.80
CA TYR A 158 11.72 -0.47 -7.22
C TYR A 158 11.13 0.78 -7.84
N CYS A 159 9.98 1.20 -7.34
CA CYS A 159 9.41 2.46 -7.77
C CYS A 159 9.70 3.55 -6.74
N TYR A 160 9.44 4.78 -7.15
CA TYR A 160 9.75 5.97 -6.38
C TYR A 160 8.50 6.84 -6.30
N PHE A 161 8.03 7.10 -5.07
CA PHE A 161 6.85 7.93 -4.84
C PHE A 161 7.26 9.14 -4.01
N LYS A 162 7.19 10.33 -4.61
CA LYS A 162 7.84 11.51 -4.07
C LYS A 162 6.88 12.69 -4.06
N ASP A 163 6.88 13.43 -2.95
CA ASP A 163 6.18 14.71 -2.83
C ASP A 163 4.73 14.59 -3.27
N ILE A 164 3.99 13.75 -2.53
CA ILE A 164 2.56 13.65 -2.77
C ILE A 164 1.96 14.62 -1.75
N PRO A 165 1.51 15.81 -2.18
CA PRO A 165 1.15 16.84 -1.20
C PRO A 165 0.04 16.40 -0.25
N TYR A 166 0.18 16.84 0.99
CA TYR A 166 -0.72 16.44 2.06
C TYR A 166 -2.03 17.23 2.00
N THR A 167 -3.16 16.52 1.97
CA THR A 167 -4.47 17.09 2.32
C THR A 167 -5.20 15.97 3.06
N PRO A 168 -5.80 16.25 4.22
CA PRO A 168 -6.44 15.16 4.98
C PRO A 168 -7.77 14.76 4.33
N ASP A 169 -7.68 13.93 3.29
CA ASP A 169 -8.84 13.48 2.53
C ASP A 169 -8.74 11.97 2.33
N ASN A 170 -9.49 11.22 3.13
CA ASN A 170 -9.56 9.77 2.94
C ASN A 170 -9.83 9.42 1.48
N GLY A 171 -9.04 8.49 0.95
CA GLY A 171 -9.07 8.21 -0.47
C GLY A 171 -7.91 8.78 -1.23
N ARG A 172 -6.88 9.29 -0.55
CA ARG A 172 -5.63 9.70 -1.19
C ARG A 172 -4.46 8.86 -0.66
N GLU A 173 -4.68 7.55 -0.52
CA GLU A 173 -3.61 6.62 -0.20
C GLU A 173 -2.58 6.59 -1.32
N ILE A 174 -1.39 6.10 -1.01
CA ILE A 174 -0.46 5.81 -2.10
C ILE A 174 -0.81 4.48 -2.76
N PHE A 175 -1.15 3.48 -1.95
CA PHE A 175 -1.60 2.16 -2.40
C PHE A 175 -2.89 1.81 -1.68
N ARG A 176 -3.90 1.36 -2.43
CA ARG A 176 -5.10 0.77 -1.84
C ARG A 176 -5.37 -0.56 -2.52
N ILE A 177 -5.30 -1.67 -1.76
CA ILE A 177 -5.33 -3.03 -2.32
C ILE A 177 -6.64 -3.69 -1.94
N TRP A 178 -7.58 -3.68 -2.88
CA TRP A 178 -8.80 -4.47 -2.74
C TRP A 178 -8.54 -5.89 -3.24
N GLY A 179 -9.52 -6.76 -3.00
CA GLY A 179 -9.49 -8.14 -3.41
C GLY A 179 -10.09 -9.02 -2.35
N TYR A 180 -9.99 -10.33 -2.56
CA TYR A 180 -10.54 -11.28 -1.59
C TYR A 180 -9.93 -11.04 -0.22
N GLY A 181 -10.79 -10.96 0.78
CA GLY A 181 -10.42 -10.54 2.12
C GLY A 181 -11.02 -9.22 2.49
N ARG A 182 -11.57 -8.51 1.51
CA ARG A 182 -12.19 -7.21 1.78
C ARG A 182 -13.27 -7.33 2.84
N SER A 183 -14.08 -8.39 2.73
CA SER A 183 -15.15 -8.64 3.68
C SER A 183 -14.71 -9.53 4.83
N GLU A 184 -13.39 -9.61 5.03
CA GLU A 184 -12.74 -10.11 6.24
C GLU A 184 -12.73 -11.63 6.11
N GLU A 185 -12.89 -12.10 4.88
CA GLU A 185 -12.85 -13.53 4.61
C GLU A 185 -11.53 -14.14 5.10
N THR A 186 -11.61 -15.38 5.57
CA THR A 186 -10.43 -16.07 6.11
C THR A 186 -10.09 -17.32 5.31
N GLY A 187 -10.58 -17.45 4.08
CA GLY A 187 -10.18 -18.56 3.22
C GLY A 187 -8.77 -18.36 2.69
N ASP A 188 -8.31 -19.35 1.90
CA ASP A 188 -6.95 -19.38 1.36
C ASP A 188 -6.65 -18.25 0.38
N ASP A 189 -7.68 -17.66 -0.21
CA ASP A 189 -7.56 -16.70 -1.29
C ASP A 189 -7.07 -15.35 -0.78
N GLY A 190 -6.91 -14.42 -1.71
CA GLY A 190 -6.47 -13.06 -1.42
C GLY A 190 -6.17 -12.34 -2.72
N ALA A 191 -5.66 -11.11 -2.57
CA ALA A 191 -5.17 -10.34 -3.71
C ALA A 191 -3.76 -10.74 -4.12
N PHE A 192 -2.95 -11.23 -3.18
CA PHE A 192 -1.56 -11.60 -3.45
C PHE A 192 -0.80 -10.46 -4.14
N PHE A 193 -1.01 -9.25 -3.64
CA PHE A 193 -0.36 -8.06 -4.18
C PHE A 193 0.98 -7.86 -3.49
N THR A 194 2.01 -7.52 -4.26
CA THR A 194 3.35 -7.34 -3.71
C THR A 194 3.75 -5.89 -3.86
N ILE A 195 4.06 -5.24 -2.73
CA ILE A 195 4.63 -3.91 -2.69
C ILE A 195 6.04 -4.08 -2.15
N LYS A 196 7.06 -4.00 -3.01
CA LYS A 196 8.39 -4.48 -2.61
C LYS A 196 9.48 -3.52 -3.06
N ASN A 197 10.41 -3.24 -2.14
CA ASN A 197 11.61 -2.45 -2.44
C ASN A 197 11.26 -1.14 -3.15
N ASN A 198 10.25 -0.44 -2.63
CA ASN A 198 9.94 0.90 -3.12
C ASN A 198 10.44 1.95 -2.14
N LEU A 199 10.66 3.15 -2.65
CA LEU A 199 11.04 4.32 -1.85
C LEU A 199 9.90 5.33 -1.81
N PHE A 200 9.52 5.75 -0.62
CA PHE A 200 8.52 6.76 -0.43
C PHE A 200 9.20 7.97 0.24
N GLU A 201 9.08 9.15 -0.33
CA GLU A 201 9.63 10.34 0.29
C GLU A 201 8.61 11.45 0.29
N ARG A 202 8.21 11.89 1.45
CA ARG A 202 7.17 12.88 1.60
C ARG A 202 5.94 12.54 0.74
N ALA A 203 5.57 11.26 0.72
CA ALA A 203 4.45 10.75 -0.07
C ALA A 203 3.15 10.83 0.74
N HIS A 204 2.88 12.02 1.27
CA HIS A 204 1.84 12.20 2.28
C HIS A 204 0.48 11.73 1.79
N GLY A 205 -0.01 12.32 0.69
CA GLY A 205 -1.38 12.08 0.29
C GLY A 205 -2.33 12.47 1.40
N GLU A 206 -3.20 11.53 1.78
CA GLU A 206 -4.16 11.74 2.85
C GLU A 206 -3.55 11.84 4.24
N GLY A 207 -2.29 11.46 4.41
CA GLY A 207 -1.66 11.55 5.72
C GLY A 207 -2.32 10.66 6.76
N MET A 208 -2.79 9.49 6.34
CA MET A 208 -3.43 8.53 7.22
C MET A 208 -2.91 7.14 6.91
N GLU A 209 -3.35 6.58 5.80
CA GLU A 209 -2.89 5.27 5.35
C GLU A 209 -2.05 5.48 4.11
N ILE A 210 -0.72 5.41 4.27
CA ILE A 210 0.18 5.44 3.13
C ILE A 210 -0.09 4.26 2.22
N ILE A 211 -0.06 3.07 2.81
CA ILE A 211 -0.46 1.81 2.18
C ILE A 211 -1.71 1.34 2.92
N SER A 212 -2.72 0.95 2.17
CA SER A 212 -3.97 0.48 2.75
C SER A 212 -4.26 -0.90 2.17
N LEU A 213 -4.02 -1.93 2.97
CA LEU A 213 -4.39 -3.30 2.61
C LEU A 213 -5.85 -3.55 3.01
N LYS A 214 -6.67 -3.93 2.04
CA LYS A 214 -8.07 -4.28 2.25
C LYS A 214 -8.37 -5.61 1.56
N SER A 215 -7.52 -6.60 1.81
CA SER A 215 -7.58 -7.92 1.16
C SER A 215 -6.55 -8.80 1.86
N ASN A 216 -6.47 -10.07 1.45
CA ASN A 216 -5.57 -11.05 2.05
C ASN A 216 -4.30 -11.31 1.24
N ARG A 217 -3.30 -11.86 1.94
CA ARG A 217 -2.10 -12.48 1.36
C ARG A 217 -1.25 -11.52 0.55
N ASN A 218 -1.18 -10.30 1.01
CA ASN A 218 -0.35 -9.30 0.37
C ASN A 218 1.03 -9.26 1.02
N LYS A 219 2.01 -8.81 0.27
CA LYS A 219 3.37 -8.66 0.74
C LYS A 219 3.90 -7.24 0.66
N VAL A 220 4.22 -6.65 1.80
CA VAL A 220 4.77 -5.32 1.91
C VAL A 220 6.18 -5.57 2.46
N ILE A 221 7.16 -5.58 1.55
CA ILE A 221 8.50 -6.08 1.83
C ILE A 221 9.54 -5.05 1.42
N GLY A 222 10.46 -4.74 2.33
CA GLY A 222 11.68 -4.04 1.94
C GLY A 222 11.50 -2.66 1.37
N ASN A 223 10.45 -1.94 1.76
CA ASN A 223 10.22 -0.57 1.34
C ASN A 223 10.88 0.40 2.31
N THR A 224 11.24 1.57 1.80
CA THR A 224 11.80 2.65 2.62
C THR A 224 10.85 3.83 2.57
N VAL A 225 10.36 4.25 3.75
CA VAL A 225 9.37 5.32 3.87
C VAL A 225 9.99 6.46 4.68
N ILE A 226 10.25 7.58 4.00
CA ILE A 226 11.03 8.67 4.60
C ILE A 226 10.11 9.87 4.78
N SER A 227 9.97 10.32 6.03
CA SER A 227 9.34 11.60 6.37
C SER A 227 7.94 11.74 5.76
N THR A 228 7.10 10.73 5.95
CA THR A 228 5.79 10.69 5.31
C THR A 228 4.68 10.59 6.34
N LYS A 229 3.67 11.44 6.18
CA LYS A 229 2.53 11.41 7.09
C LYS A 229 1.74 10.13 6.88
N GLY A 230 1.23 9.57 7.96
CA GLY A 230 0.50 8.31 7.89
C GLY A 230 1.38 7.12 8.20
N GLY A 231 0.79 5.93 8.01
CA GLY A 231 1.49 4.68 8.28
C GLY A 231 1.15 3.62 7.26
N ILE A 232 1.78 2.46 7.44
CA ILE A 232 1.50 1.28 6.62
C ILE A 232 0.41 0.50 7.33
N VAL A 233 -0.73 0.31 6.66
CA VAL A 233 -1.94 -0.11 7.37
C VAL A 233 -2.55 -1.35 6.71
N GLY A 234 -2.71 -2.42 7.48
CA GLY A 234 -3.66 -3.46 7.16
C GLY A 234 -5.05 -3.07 7.66
N ARG A 235 -5.86 -2.45 6.80
CA ARG A 235 -7.18 -1.95 7.24
C ARG A 235 -8.21 -3.08 7.29
N SER A 236 -8.24 -3.93 6.27
CA SER A 236 -9.15 -5.05 6.18
C SER A 236 -8.36 -6.28 5.73
N GLY A 237 -8.99 -7.44 5.86
CA GLY A 237 -8.36 -8.67 5.40
C GLY A 237 -7.44 -9.30 6.43
N ASN A 238 -6.83 -10.40 5.99
CA ASN A 238 -6.15 -11.34 6.87
C ASN A 238 -4.91 -11.90 6.18
N PHE A 239 -3.99 -12.44 6.99
CA PHE A 239 -2.76 -13.08 6.50
C PHE A 239 -1.96 -12.16 5.57
N ASN A 240 -1.70 -10.94 6.04
CA ASN A 240 -0.83 -10.04 5.30
C ASN A 240 0.57 -10.08 5.90
N THR A 241 1.55 -9.75 5.05
CA THR A 241 2.96 -9.79 5.43
C THR A 241 3.57 -8.40 5.29
N ILE A 242 4.13 -7.89 6.39
CA ILE A 242 4.78 -6.59 6.41
C ILE A 242 6.14 -6.83 7.03
N GLU A 243 7.18 -6.85 6.19
CA GLU A 243 8.50 -7.33 6.61
C GLU A 243 9.61 -6.49 6.01
N GLU A 244 10.66 -6.27 6.81
CA GLU A 244 11.92 -5.71 6.34
C GLU A 244 11.78 -4.31 5.76
N ASN A 245 10.80 -3.55 6.24
CA ASN A 245 10.59 -2.17 5.81
C ASN A 245 11.38 -1.22 6.71
N PHE A 246 11.66 -0.04 6.19
CA PHE A 246 12.35 1.01 6.93
C PHE A 246 11.46 2.23 6.94
N ILE A 247 11.09 2.69 8.12
CA ILE A 247 10.28 3.89 8.23
C ILE A 247 11.13 4.91 9.00
N PHE A 248 11.68 5.88 8.27
CA PHE A 248 12.48 6.97 8.82
C PHE A 248 11.59 8.21 8.85
N GLY A 249 10.91 8.43 9.97
CA GLY A 249 9.95 9.52 10.03
C GLY A 249 10.57 10.90 10.03
N GLU A 250 11.84 11.03 10.41
CA GLU A 250 12.48 12.34 10.50
C GLU A 250 11.59 13.32 11.28
N ASN A 251 10.91 12.79 12.30
CA ASN A 251 9.97 13.54 13.13
C ASN A 251 8.94 14.31 12.32
N GLU A 252 8.56 13.77 11.17
CA GLU A 252 7.49 14.40 10.39
C GLU A 252 6.20 14.35 11.19
N LYS A 253 5.58 15.51 11.37
CA LYS A 253 4.28 15.53 12.05
C LYS A 253 3.30 14.62 11.33
N GLY A 254 2.59 13.78 12.10
CA GLY A 254 1.60 12.87 11.53
C GLY A 254 2.14 11.53 11.05
N SER A 255 3.45 11.33 11.01
CA SER A 255 4.01 10.04 10.66
C SER A 255 3.79 9.02 11.77
N TYR A 256 3.59 7.77 11.36
CA TYR A 256 3.59 6.68 12.33
C TYR A 256 4.03 5.41 11.60
N GLY A 257 4.03 4.30 12.35
CA GLY A 257 4.63 3.08 11.85
C GLY A 257 3.67 2.14 11.13
N ILE A 258 3.34 1.06 11.81
CA ILE A 258 2.56 -0.03 11.24
C ILE A 258 1.28 -0.20 12.06
N ARG A 259 0.16 -0.41 11.36
CA ARG A 259 -1.14 -0.59 12.00
C ARG A 259 -1.91 -1.73 11.34
N LEU A 260 -2.44 -2.64 12.15
CA LEU A 260 -3.13 -3.83 11.62
C LEU A 260 -4.49 -4.01 12.25
N ALA A 261 -5.45 -4.45 11.42
CA ALA A 261 -6.60 -5.23 11.87
C ALA A 261 -6.53 -6.62 11.23
N GLY A 262 -7.08 -7.63 11.90
CA GLY A 262 -7.24 -8.93 11.29
C GLY A 262 -6.25 -9.97 11.82
N GLN A 263 -6.38 -11.18 11.29
CA GLN A 263 -5.73 -12.33 11.89
C GLN A 263 -4.62 -12.88 11.00
N GLY A 264 -3.64 -13.51 11.65
CA GLY A 264 -2.64 -14.28 10.96
C GLY A 264 -1.53 -13.49 10.31
N HIS A 265 -1.40 -12.20 10.63
CA HIS A 265 -0.37 -11.37 10.01
C HIS A 265 1.02 -11.75 10.48
N HIS A 266 2.01 -11.46 9.64
CA HIS A 266 3.43 -11.62 9.93
C HIS A 266 4.05 -10.25 9.79
N VAL A 267 4.48 -9.68 10.91
CA VAL A 267 5.04 -8.34 10.93
C VAL A 267 6.41 -8.48 11.57
N VAL A 268 7.46 -8.58 10.74
CA VAL A 268 8.78 -9.03 11.18
C VAL A 268 9.86 -8.19 10.52
N ASN A 269 10.94 -7.92 11.28
CA ASN A 269 12.15 -7.29 10.75
C ASN A 269 11.91 -5.89 10.19
N ASN A 270 10.97 -5.15 10.76
CA ASN A 270 10.74 -3.75 10.38
C ASN A 270 11.51 -2.81 11.29
N TYR A 271 12.07 -1.76 10.70
CA TYR A 271 12.82 -0.73 11.44
C TYR A 271 12.07 0.59 11.33
N VAL A 272 11.52 1.06 12.45
CA VAL A 272 10.74 2.29 12.52
C VAL A 272 11.42 3.23 13.50
N ARG A 273 11.65 4.48 13.08
CA ARG A 273 12.23 5.43 14.02
C ARG A 273 11.83 6.85 13.68
N ASP A 274 11.75 7.68 14.73
CA ASP A 274 11.50 9.11 14.62
C ASP A 274 10.16 9.37 13.95
N VAL A 275 9.17 8.59 14.31
CA VAL A 275 7.81 8.88 13.87
C VAL A 275 7.11 9.63 14.99
N ASP A 276 6.12 10.41 14.59
CA ASP A 276 5.36 11.24 15.51
C ASP A 276 4.36 10.42 16.32
N GLY A 277 3.79 9.36 15.73
CA GLY A 277 2.78 8.53 16.36
C GLY A 277 3.33 7.22 16.89
N ASP A 278 2.51 6.17 16.82
CA ASP A 278 2.88 4.86 17.37
C ASP A 278 3.74 4.05 16.40
N GLY A 279 4.52 3.13 16.95
CA GLY A 279 5.34 2.26 16.12
C GLY A 279 4.55 1.14 15.49
N LEU A 280 3.73 0.48 16.30
CA LEU A 280 2.89 -0.64 15.90
C LEU A 280 1.54 -0.52 16.61
N ILE A 281 0.47 -0.55 15.84
CA ILE A 281 -0.88 -0.48 16.39
C ILE A 281 -1.61 -1.76 16.03
N LEU A 282 -2.05 -2.50 17.04
CA LEU A 282 -2.95 -3.63 16.88
C LEU A 282 -4.34 -3.14 17.27
N ILE A 283 -5.23 -2.95 16.30
CA ILE A 283 -6.49 -2.26 16.58
C ILE A 283 -7.51 -3.24 17.12
N CYS A 284 -8.48 -2.74 17.88
CA CYS A 284 -9.51 -3.60 18.43
C CYS A 284 -10.52 -4.00 17.35
N GLY A 285 -10.93 -5.24 17.38
CA GLY A 285 -11.88 -5.71 16.40
C GLY A 285 -13.32 -5.49 16.87
N GLU A 286 -14.24 -5.67 15.94
CA GLU A 286 -15.66 -5.51 16.23
C GLU A 286 -16.35 -6.84 16.44
N TYR A 287 -17.08 -6.96 17.55
CA TYR A 287 -17.92 -8.12 17.82
C TYR A 287 -19.20 -8.03 16.99
N ILE A 288 -19.55 -9.10 16.27
CA ILE A 288 -20.73 -9.10 15.39
C ILE A 288 -21.64 -10.29 15.61
N GLU A 289 -21.34 -11.17 16.57
CA GLU A 289 -22.14 -12.39 16.69
C GLU A 289 -23.58 -12.06 17.07
N LYS A 290 -23.77 -11.03 17.89
CA LYS A 290 -25.11 -10.58 18.24
C LYS A 290 -25.03 -9.12 18.68
N ALA A 291 -26.20 -8.50 18.80
CA ALA A 291 -26.27 -7.13 19.28
C ALA A 291 -26.09 -7.11 20.79
N LEU A 292 -25.09 -6.37 21.27
CA LEU A 292 -24.86 -6.24 22.71
C LEU A 292 -25.79 -5.20 23.33
N THR A 293 -26.23 -4.21 22.54
CA THR A 293 -27.24 -3.23 22.91
C THR A 293 -28.18 -3.02 21.74
N ASP A 294 -29.28 -2.30 22.00
CA ASP A 294 -30.25 -2.02 20.94
C ASP A 294 -29.73 -1.04 19.91
N LYS A 295 -28.54 -0.47 20.11
CA LYS A 295 -28.04 0.59 19.24
C LYS A 295 -27.13 0.09 18.14
N TYR A 296 -26.77 -1.20 18.14
CA TYR A 296 -25.84 -1.75 17.15
C TYR A 296 -26.33 -1.52 15.74
N GLU A 297 -25.48 -0.89 14.91
CA GLU A 297 -25.75 -0.71 13.49
C GLU A 297 -24.73 -1.54 12.70
N PRO A 298 -25.07 -2.77 12.33
CA PRO A 298 -24.09 -3.64 11.67
C PRO A 298 -23.76 -3.18 10.26
N ILE A 299 -22.54 -3.50 9.84
CA ILE A 299 -22.14 -3.35 8.45
C ILE A 299 -22.68 -4.55 7.71
N LEU A 300 -23.62 -4.32 6.78
CA LEU A 300 -24.29 -5.40 6.08
C LEU A 300 -23.44 -5.94 4.95
N ARG A 301 -23.52 -7.25 4.72
CA ARG A 301 -22.84 -7.91 3.61
C ARG A 301 -23.54 -9.23 3.32
N ALA A 302 -24.09 -9.37 2.11
CA ALA A 302 -24.72 -10.62 1.73
C ALA A 302 -23.67 -11.70 1.49
N GLY A 303 -24.09 -12.95 1.62
CA GLY A 303 -23.18 -14.05 1.38
C GLY A 303 -22.32 -14.43 2.57
N THR A 304 -22.52 -13.81 3.73
CA THR A 304 -21.75 -14.11 4.94
C THR A 304 -22.61 -14.91 5.90
N PRO A 305 -22.00 -15.55 6.91
CA PRO A 305 -22.80 -16.37 7.84
C PRO A 305 -23.83 -15.58 8.62
N LEU A 306 -23.56 -14.31 8.93
CA LEU A 306 -24.49 -13.52 9.73
C LEU A 306 -25.18 -12.44 8.93
N GLY A 307 -24.87 -12.30 7.65
CA GLY A 307 -25.36 -11.18 6.88
C GLY A 307 -24.67 -9.87 7.18
N ARG A 308 -23.48 -9.91 7.82
CA ARG A 308 -22.81 -8.70 8.24
C ARG A 308 -21.32 -8.99 8.42
N VAL A 309 -20.51 -7.93 8.46
CA VAL A 309 -19.07 -8.05 8.69
C VAL A 309 -18.66 -7.07 9.80
N PRO A 310 -17.50 -7.30 10.42
CA PRO A 310 -17.05 -6.33 11.42
C PRO A 310 -16.49 -5.09 10.75
N ARG A 311 -16.62 -3.97 11.46
CA ARG A 311 -15.94 -2.74 11.05
C ARG A 311 -14.43 -2.93 11.01
N TYR A 312 -13.88 -3.65 12.00
CA TYR A 312 -12.46 -4.01 12.06
C TYR A 312 -12.33 -5.47 12.45
N GLY A 313 -11.47 -6.21 11.76
CA GLY A 313 -11.23 -7.61 12.13
C GLY A 313 -10.43 -7.73 13.43
N HIS A 314 -10.85 -8.68 14.27
CA HIS A 314 -10.15 -9.01 15.51
C HIS A 314 -8.69 -9.35 15.19
N VAL A 315 -7.75 -8.75 15.92
CA VAL A 315 -6.33 -9.04 15.69
C VAL A 315 -5.95 -10.25 16.55
N LYS A 316 -5.82 -11.39 15.89
CA LYS A 316 -5.42 -12.59 16.60
C LYS A 316 -4.45 -13.40 15.77
N ASP A 317 -3.71 -14.27 16.45
CA ASP A 317 -2.96 -15.34 15.81
C ASP A 317 -1.81 -14.80 14.97
N GLY A 318 -1.38 -13.56 15.21
CA GLY A 318 -0.38 -12.93 14.38
C GLY A 318 1.04 -13.08 14.95
N LEU A 319 2.03 -12.79 14.11
CA LEU A 319 3.43 -12.81 14.50
C LEU A 319 3.99 -11.40 14.40
N TYR A 320 4.37 -10.82 15.54
CA TYR A 320 4.85 -9.44 15.62
C TYR A 320 6.22 -9.47 16.30
N VAL A 321 7.27 -9.84 15.55
CA VAL A 321 8.54 -10.27 16.13
C VAL A 321 9.71 -9.56 15.46
N ASN A 322 10.79 -9.34 16.24
CA ASN A 322 12.05 -8.85 15.70
C ASN A 322 11.91 -7.55 14.93
N ASN A 323 11.09 -6.64 15.46
CA ASN A 323 10.98 -5.30 14.93
C ASN A 323 11.70 -4.31 15.84
N THR A 324 11.98 -3.14 15.30
CA THR A 324 12.62 -2.07 16.07
C THR A 324 11.79 -0.80 15.93
N PHE A 325 11.40 -0.22 17.05
CA PHE A 325 10.62 1.02 17.11
C PHE A 325 11.35 2.03 18.00
N LEU A 326 12.08 2.97 17.42
CA LEU A 326 12.91 3.85 18.23
C LEU A 326 12.49 5.31 18.12
N ASN A 327 12.51 6.01 19.25
CA ASN A 327 12.28 7.46 19.27
C ASN A 327 10.91 7.82 18.70
N VAL A 328 9.89 7.00 19.03
CA VAL A 328 8.55 7.25 18.52
C VAL A 328 7.83 8.23 19.44
N GLY A 329 7.00 9.09 18.85
CA GLY A 329 6.29 10.08 19.64
C GLY A 329 5.06 9.57 20.35
N GLY A 330 4.57 8.39 19.98
CA GLY A 330 3.42 7.79 20.63
C GLY A 330 3.83 6.58 21.43
N ALA A 331 3.01 5.53 21.43
CA ALA A 331 3.38 4.29 22.09
C ALA A 331 4.27 3.46 21.17
N GLY A 332 5.11 2.62 21.76
CA GLY A 332 5.93 1.76 20.92
C GLY A 332 5.06 0.72 20.24
N ILE A 333 4.41 -0.10 21.06
CA ILE A 333 3.44 -1.07 20.58
C ILE A 333 2.15 -0.80 21.33
N ASN A 334 1.09 -0.52 20.58
CA ASN A 334 -0.23 -0.25 21.14
C ASN A 334 -1.08 -1.50 20.90
N ILE A 335 -1.24 -2.31 21.95
CA ILE A 335 -2.04 -3.53 21.88
C ILE A 335 -3.47 -3.14 22.26
N GLY A 336 -4.29 -2.88 21.26
CA GLY A 336 -5.67 -2.51 21.51
C GLY A 336 -5.99 -1.06 21.19
N GLY A 337 -5.55 -0.57 20.04
CA GLY A 337 -5.91 0.78 19.64
C GLY A 337 -7.40 0.90 19.39
N SER A 338 -7.91 2.13 19.53
CA SER A 338 -9.31 2.48 19.22
C SER A 338 -10.31 1.54 19.88
N TYR A 339 -10.17 1.40 21.20
CA TYR A 339 -11.09 0.61 21.98
C TYR A 339 -12.34 1.42 22.30
N ASN A 340 -13.51 0.78 22.15
CA ASN A 340 -14.79 1.36 22.56
C ASN A 340 -15.32 0.49 23.69
N GLY A 341 -15.13 0.94 24.93
CA GLY A 341 -15.68 0.24 26.06
C GLY A 341 -17.15 0.46 26.32
N ASN A 342 -17.84 1.28 25.51
CA ASN A 342 -19.26 1.54 25.65
C ASN A 342 -19.91 1.15 24.33
N PRO A 343 -20.17 -0.13 24.13
CA PRO A 343 -20.77 -0.58 22.87
C PRO A 343 -22.09 0.14 22.60
N GLY A 344 -22.26 0.54 21.35
CA GLY A 344 -23.48 1.19 20.91
C GLY A 344 -23.66 0.88 19.44
N ALA A 345 -23.59 1.92 18.60
CA ALA A 345 -23.64 1.74 17.17
C ALA A 345 -22.54 0.78 16.69
N ASP A 346 -21.34 0.89 17.26
CA ASP A 346 -20.30 -0.09 16.96
C ASP A 346 -20.01 -0.89 18.22
N GLN A 347 -19.40 -2.04 18.01
CA GLN A 347 -19.03 -2.94 19.09
C GLN A 347 -17.53 -3.22 19.01
N ARG A 348 -16.74 -2.17 18.73
CA ARG A 348 -15.28 -2.24 18.59
C ARG A 348 -14.58 -2.39 19.94
N MET A 349 -14.73 -3.59 20.48
CA MET A 349 -14.28 -4.00 21.80
C MET A 349 -13.52 -5.33 21.87
N LEU A 350 -13.08 -5.88 20.75
CA LEU A 350 -12.33 -7.13 20.76
C LEU A 350 -10.84 -6.80 20.91
N LEU A 351 -10.30 -7.05 22.09
CA LEU A 351 -8.88 -6.84 22.33
C LEU A 351 -8.05 -7.88 21.58
N PRO A 352 -6.87 -7.51 21.09
CA PRO A 352 -6.02 -8.49 20.41
C PRO A 352 -5.73 -9.67 21.31
N GLU A 353 -5.68 -10.86 20.73
CA GLU A 353 -5.54 -12.08 21.52
C GLU A 353 -4.73 -13.10 20.73
N ASN A 354 -4.01 -13.95 21.46
CA ASN A 354 -3.23 -15.04 20.87
C ASN A 354 -2.23 -14.56 19.82
N ASN A 355 -1.67 -13.37 19.99
CA ASN A 355 -0.59 -12.91 19.12
C ASN A 355 0.76 -13.08 19.80
N THR A 356 1.78 -13.33 19.01
CA THR A 356 3.15 -13.40 19.48
C THR A 356 3.84 -12.05 19.26
N ILE A 357 4.11 -11.34 20.35
CA ILE A 357 4.69 -9.99 20.34
C ILE A 357 5.98 -10.05 21.13
N THR A 358 7.08 -10.47 20.49
CA THR A 358 8.33 -10.76 21.20
C THR A 358 9.53 -10.27 20.42
N HIS A 359 10.66 -10.14 21.11
CA HIS A 359 11.94 -9.82 20.48
C HIS A 359 11.92 -8.50 19.72
N ASN A 360 11.21 -7.52 20.29
CA ASN A 360 11.14 -6.19 19.71
C ASN A 360 12.00 -5.23 20.53
N ILE A 361 12.57 -4.23 19.85
CA ILE A 361 13.32 -3.15 20.48
C ILE A 361 12.48 -1.89 20.39
N ILE A 362 12.37 -1.15 21.52
CA ILE A 362 11.48 0.01 21.61
C ILE A 362 12.14 1.14 22.40
N SER A 363 11.93 2.36 21.93
CA SER A 363 12.10 3.55 22.76
C SER A 363 11.09 4.60 22.32
N THR A 364 10.61 5.40 23.28
CA THR A 364 9.59 6.41 23.07
C THR A 364 10.11 7.75 23.57
N LYS A 365 9.64 8.83 22.95
CA LYS A 365 10.08 10.17 23.32
C LYS A 365 9.69 10.53 24.75
N SER A 366 8.52 10.08 25.20
CA SER A 366 8.04 10.33 26.54
C SER A 366 8.73 9.47 27.60
N GLY A 367 9.38 8.38 27.20
CA GLY A 367 9.84 7.42 28.18
C GLY A 367 8.74 6.65 28.87
N LYS A 368 7.53 6.67 28.32
CA LYS A 368 6.41 5.87 28.77
C LYS A 368 5.79 5.16 27.57
N ASN A 369 4.98 4.14 27.87
CA ASN A 369 4.14 3.45 26.88
C ASN A 369 4.96 2.82 25.76
N ALA A 370 6.12 2.24 26.08
CA ALA A 370 6.80 1.39 25.11
C ALA A 370 5.88 0.27 24.65
N ILE A 371 5.24 -0.41 25.58
CA ILE A 371 4.14 -1.31 25.29
C ILE A 371 2.93 -0.82 26.06
N GLN A 372 1.84 -0.59 25.35
CA GLN A 372 0.62 -0.04 25.91
C GLN A 372 -0.48 -1.02 25.54
N ALA A 373 -1.06 -1.69 26.54
CA ALA A 373 -2.12 -2.66 26.30
C ALA A 373 -3.42 -2.16 26.90
N THR A 374 -4.44 -1.98 26.06
CA THR A 374 -5.73 -1.52 26.57
C THR A 374 -6.32 -2.57 27.50
N SER A 375 -6.79 -2.11 28.67
CA SER A 375 -7.40 -3.10 29.54
C SER A 375 -8.92 -3.07 29.38
N PRO A 376 -9.59 -4.20 29.58
CA PRO A 376 -11.03 -4.25 29.34
C PRO A 376 -11.78 -3.20 30.15
N SER A 377 -12.81 -2.64 29.54
CA SER A 377 -13.80 -1.85 30.27
C SER A 377 -14.41 -2.67 31.40
N GLN A 378 -14.90 -1.98 32.42
CA GLN A 378 -15.67 -2.65 33.47
C GLN A 378 -17.17 -2.63 33.18
N ASN A 379 -17.57 -2.15 32.00
CA ASN A 379 -18.96 -2.14 31.58
C ASN A 379 -19.55 -3.54 31.75
N PRO A 380 -20.66 -3.68 32.49
CA PRO A 380 -21.18 -5.03 32.79
C PRO A 380 -21.51 -5.86 31.57
N ILE A 381 -21.98 -5.25 30.48
CA ILE A 381 -22.32 -6.05 29.31
C ILE A 381 -21.10 -6.58 28.57
N LEU A 382 -19.88 -6.19 28.98
CA LEU A 382 -18.66 -6.77 28.45
C LEU A 382 -17.95 -7.70 29.44
N ALA A 383 -18.61 -8.06 30.55
CA ALA A 383 -17.92 -8.75 31.63
C ALA A 383 -17.50 -10.16 31.24
N ASN A 384 -18.29 -10.88 30.44
CA ASN A 384 -18.00 -12.29 30.19
C ASN A 384 -17.12 -12.50 28.98
N PHE A 385 -16.61 -11.43 28.39
CA PHE A 385 -15.68 -11.55 27.28
C PHE A 385 -14.29 -11.84 27.83
N LYS A 386 -13.71 -12.96 27.43
CA LYS A 386 -12.39 -13.36 27.88
C LYS A 386 -11.51 -13.58 26.67
N PHE A 387 -10.35 -12.95 26.65
CA PHE A 387 -9.47 -12.96 25.50
C PHE A 387 -8.25 -13.82 25.77
N LYS A 388 -7.92 -14.68 24.80
CA LYS A 388 -6.69 -15.46 24.87
C LYS A 388 -5.51 -14.53 25.07
N SER A 389 -4.62 -14.91 25.97
CA SER A 389 -3.48 -14.07 26.26
C SER A 389 -2.61 -13.93 25.02
N ASN A 390 -1.99 -12.75 24.88
CA ASN A 390 -0.90 -12.60 23.94
C ASN A 390 0.37 -13.18 24.54
N ILE A 391 1.33 -13.55 23.69
CA ILE A 391 2.63 -13.99 24.15
C ILE A 391 3.57 -12.78 24.08
N LEU A 392 3.96 -12.28 25.25
CA LEU A 392 4.73 -11.04 25.39
C LEU A 392 5.99 -11.31 26.19
N GLY A 393 7.14 -11.10 25.56
CA GLY A 393 8.38 -11.15 26.31
C GLY A 393 9.54 -10.86 25.39
N SER A 394 10.73 -10.84 25.98
CA SER A 394 11.96 -10.59 25.24
C SER A 394 11.89 -9.29 24.44
N ASN A 395 11.09 -8.34 24.92
CA ASN A 395 11.08 -7.01 24.34
C ASN A 395 12.00 -6.12 25.17
N LEU A 396 12.78 -5.28 24.48
CA LEU A 396 13.82 -4.51 25.14
C LEU A 396 13.54 -3.03 24.96
N VAL A 397 13.32 -2.33 26.08
CA VAL A 397 13.02 -0.90 26.08
C VAL A 397 14.26 -0.14 26.52
N TYR A 398 14.77 0.70 25.62
CA TYR A 398 15.94 1.53 25.87
C TYR A 398 15.56 2.90 26.41
N ASP A 399 16.47 3.48 27.18
CA ASP A 399 16.41 4.90 27.48
C ASP A 399 16.47 5.64 26.16
N ASN A 400 15.48 6.50 25.89
CA ASN A 400 15.49 7.23 24.64
C ASN A 400 16.66 8.19 24.53
N GLY A 401 17.27 8.57 25.64
CA GLY A 401 18.47 9.40 25.59
C GLY A 401 19.75 8.61 25.53
N ALA A 402 19.67 7.27 25.45
CA ALA A 402 20.86 6.40 25.39
C ALA A 402 20.62 5.17 24.52
N GLU A 403 20.04 5.36 23.32
CA GLU A 403 19.63 4.32 22.37
C GLU A 403 20.76 3.45 21.85
N PRO A 404 20.43 2.29 21.23
CA PRO A 404 21.46 1.30 20.88
C PRO A 404 22.58 1.83 20.00
N ASP A 405 22.31 2.81 19.14
CA ASP A 405 23.37 3.50 18.39
C ASP A 405 24.25 2.55 17.57
N THR A 433 22.92 -16.45 18.88
CA THR A 433 22.21 -15.37 19.58
C THR A 433 20.77 -15.08 19.10
N SER A 434 19.84 -14.91 20.05
CA SER A 434 18.45 -14.59 19.74
C SER A 434 18.09 -13.17 20.19
N LYS A 435 18.78 -12.17 19.64
CA LYS A 435 18.69 -10.81 20.13
C LYS A 435 17.38 -10.14 19.71
N PRO A 436 16.86 -9.21 20.53
CA PRO A 436 15.67 -8.46 20.15
C PRO A 436 15.96 -7.56 18.96
N GLY A 437 14.89 -7.01 18.39
CA GLY A 437 15.01 -6.11 17.27
C GLY A 437 15.24 -6.85 15.96
N VAL A 438 15.38 -6.06 14.89
CA VAL A 438 15.48 -6.56 13.52
C VAL A 438 16.63 -7.56 13.39
N ARG A 439 16.31 -8.84 13.14
CA ARG A 439 17.37 -9.85 13.02
C ARG A 439 17.87 -10.05 11.59
N ILE A 440 17.03 -9.81 10.59
CA ILE A 440 17.48 -9.81 9.20
C ILE A 440 17.63 -8.35 8.79
N LYS A 441 18.86 -7.85 8.88
CA LYS A 441 19.17 -6.46 8.58
C LYS A 441 19.58 -6.33 7.10
N ASN A 442 18.86 -5.47 6.37
CA ASN A 442 19.19 -5.09 5.00
C ASN A 442 19.56 -3.61 4.96
N LYS A 443 19.74 -3.07 3.74
CA LYS A 443 20.05 -1.66 3.62
C LYS A 443 18.85 -0.89 3.06
N PRO A 444 18.53 0.27 3.63
CA PRO A 444 17.43 1.09 3.07
C PRO A 444 17.76 1.52 1.65
N LEU A 445 16.73 1.97 0.93
CA LEU A 445 16.87 2.30 -0.48
C LEU A 445 17.21 3.77 -0.68
N SER A 446 18.20 4.02 -1.51
CA SER A 446 18.47 5.36 -2.03
C SER A 446 17.63 5.60 -3.27
N SER A 447 17.41 6.88 -3.58
CA SER A 447 16.66 7.23 -4.78
C SER A 447 17.41 6.87 -6.06
N LYS A 448 18.68 6.47 -5.97
CA LYS A 448 19.44 6.06 -7.14
C LYS A 448 19.09 4.64 -7.60
N GLU A 449 18.54 3.80 -6.72
CA GLU A 449 18.25 2.41 -7.05
C GLU A 449 16.79 2.16 -7.38
N VAL A 450 15.95 3.19 -7.33
CA VAL A 450 14.52 3.07 -7.55
C VAL A 450 14.08 4.16 -8.52
N GLY A 451 12.87 4.00 -9.07
CA GLY A 451 12.34 4.93 -10.04
C GLY A 451 13.02 4.80 -11.40
N VAL A 452 12.75 5.80 -12.25
CA VAL A 452 13.27 5.79 -13.62
C VAL A 452 14.78 6.02 -13.62
N LYS A 453 15.45 5.53 -14.66
CA LYS A 453 16.89 5.73 -14.78
C LYS A 453 17.25 7.12 -15.29
N TRP A 454 16.46 7.63 -16.23
CA TRP A 454 16.54 9.01 -16.71
C TRP A 454 16.05 9.99 -15.64
N SER A 455 16.01 11.29 -15.97
CA SER A 455 15.98 12.34 -14.95
C SER A 455 14.63 13.05 -14.85
N ILE A 456 14.15 13.18 -13.61
CA ILE A 456 12.92 13.89 -13.21
C ILE A 456 11.68 13.12 -13.66
#